data_6M8B
#
_entry.id   6M8B
#
_cell.length_a   78.085
_cell.length_b   78.085
_cell.length_c   84.679
_cell.angle_alpha   90.00
_cell.angle_beta   90.00
_cell.angle_gamma   90.00
#
_symmetry.space_group_name_H-M   'P 42 21 2'
#
loop_
_entity.id
_entity.type
_entity.pdbx_description
1 polymer 'Inositol polyphosphate multikinase,Inositol polyphosphate multikinase'
2 non-polymer 3,5,7-TRIHYDROXY-2-(4-HYDROXYPHENYL)-4H-CHROMEN-4-ONE
3 water water
#
_entity_poly.entity_id   1
_entity_poly.type   'polypeptide(L)'
_entity_poly.pdbx_seq_one_letter_code
;GSFTSHQVAGHMYGKDKVGILQHPDGTVLKQLQPPPRGPRELEFYNMVYAADCFDGVLLELRKYLPKYYGIWSPPTAPND
LYLKLEDVTHKFNKPCIMDVKIGQKSYDPFASSEKIQQQVSKYPLMEEIGFLVLGMRVYHVHSDSYETENQHYGRSLTKE
TIKDGVSRFFHNGYCLRKDAVAASIQKIEKILQWFENQKQLNFYASSLLFVYEGSSQGGSGGEVEVRMIDFAHVFPSNTI
DEGYVYGLKHLISVLRSILDN
;
_entity_poly.pdbx_strand_id   A
#
loop_
_chem_comp.id
_chem_comp.type
_chem_comp.name
_chem_comp.formula
KMP non-polymer 3,5,7-TRIHYDROXY-2-(4-HYDROXYPHENYL)-4H-CHROMEN-4-ONE 'C15 H10 O6'
#
# COMPACT_ATOMS: atom_id res chain seq x y z
N ILE A 20 -2.30 11.76 -7.47
CA ILE A 20 -1.98 10.82 -8.52
C ILE A 20 -2.68 11.27 -9.78
N LEU A 21 -1.98 11.28 -10.89
CA LEU A 21 -2.60 11.69 -12.13
C LEU A 21 -2.77 10.51 -13.00
N GLN A 22 -4.03 10.17 -13.21
CA GLN A 22 -4.45 9.00 -13.97
C GLN A 22 -4.57 9.42 -15.39
N HIS A 23 -3.60 9.00 -16.20
CA HIS A 23 -3.60 9.05 -17.66
C HIS A 23 -4.32 7.83 -18.39
N PRO A 24 -5.08 8.13 -19.45
CA PRO A 24 -5.84 7.12 -20.21
C PRO A 24 -5.09 5.89 -20.76
N ASP A 25 -3.81 6.00 -21.08
CA ASP A 25 -3.04 4.85 -21.60
C ASP A 25 -2.67 3.77 -20.56
N GLY A 26 -3.39 3.72 -19.44
CA GLY A 26 -3.16 2.71 -18.40
C GLY A 26 -2.00 2.99 -17.45
N THR A 27 -1.52 4.23 -17.44
CA THR A 27 -0.46 4.62 -16.50
C THR A 27 -0.90 5.77 -15.63
N VAL A 28 -0.12 6.01 -14.59
CA VAL A 28 -0.31 7.16 -13.76
C VAL A 28 1.03 7.89 -13.63
N LEU A 29 0.93 9.16 -13.27
CA LEU A 29 2.09 9.97 -12.97
C LEU A 29 1.97 10.33 -11.50
N LYS A 30 3.00 9.97 -10.75
CA LYS A 30 3.11 10.36 -9.35
C LYS A 30 4.18 11.44 -9.21
N GLN A 31 3.76 12.62 -8.77
CA GLN A 31 4.69 13.73 -8.65
C GLN A 31 5.64 13.45 -7.49
N LEU A 32 6.93 13.70 -7.69
CA LEU A 32 7.90 13.51 -6.60
C LEU A 32 7.49 14.40 -5.45
N GLN A 33 7.48 13.84 -4.24
CA GLN A 33 7.30 14.63 -3.03
C GLN A 33 8.50 15.60 -2.89
N PRO A 34 8.34 16.68 -2.11
CA PRO A 34 9.48 17.56 -1.90
C PRO A 34 10.69 16.82 -1.32
N PRO A 35 11.91 17.36 -1.50
CA PRO A 35 13.08 16.66 -0.99
C PRO A 35 13.06 16.64 0.55
N PRO A 36 13.62 15.62 1.20
CA PRO A 36 14.33 14.50 0.60
C PRO A 36 13.45 13.33 0.08
N ARG A 37 12.15 13.40 0.31
CA ARG A 37 11.24 12.27 0.08
C ARG A 37 11.11 11.85 -1.40
N GLY A 38 10.77 12.78 -2.29
CA GLY A 38 10.70 12.47 -3.73
C GLY A 38 11.97 11.86 -4.32
N PRO A 39 13.11 12.54 -4.12
CA PRO A 39 14.39 12.00 -4.58
C PRO A 39 14.67 10.58 -4.09
N ARG A 40 14.35 10.30 -2.82
CA ARG A 40 14.52 8.95 -2.27
C ARG A 40 13.60 7.94 -2.97
N GLU A 41 12.36 8.34 -3.24
CA GLU A 41 11.43 7.43 -3.92
C GLU A 41 11.89 7.16 -5.36
N LEU A 42 12.37 8.20 -6.03
CA LEU A 42 12.98 8.03 -7.34
C LEU A 42 14.12 7.02 -7.31
N GLU A 43 15.03 7.17 -6.37
CA GLU A 43 16.18 6.26 -6.30
C GLU A 43 15.77 4.83 -5.99
N PHE A 44 14.73 4.65 -5.17
CA PHE A 44 14.22 3.32 -4.89
C PHE A 44 13.73 2.62 -6.15
N TYR A 45 12.86 3.29 -6.91
CA TYR A 45 12.37 2.72 -8.17
C TYR A 45 13.55 2.44 -9.14
N ASN A 46 14.50 3.36 -9.22
CA ASN A 46 15.69 3.16 -10.05
C ASN A 46 16.56 1.97 -9.67
N MET A 47 16.74 1.77 -8.37
CA MET A 47 17.49 0.62 -7.86
C MET A 47 16.78 -0.70 -8.21
N VAL A 48 15.49 -0.78 -7.91
CA VAL A 48 14.71 -2.01 -8.09
C VAL A 48 14.60 -2.40 -9.57
N TYR A 49 14.38 -1.41 -10.43
CA TYR A 49 14.13 -1.64 -11.86
C TYR A 49 15.37 -1.37 -12.73
N ALA A 50 16.56 -1.35 -12.11
CA ALA A 50 17.80 -1.19 -12.88
C ALA A 50 17.89 -2.33 -13.88
N ALA A 51 18.02 -2.00 -15.16
CA ALA A 51 18.04 -3.01 -16.23
C ALA A 51 19.13 -4.06 -16.05
N ASP A 52 20.28 -3.66 -15.51
CA ASP A 52 21.39 -4.59 -15.24
C ASP A 52 21.33 -5.25 -13.85
N CYS A 53 20.19 -5.15 -13.15
CA CYS A 53 20.03 -5.79 -11.86
C CYS A 53 19.71 -7.27 -12.06
N PHE A 54 20.51 -8.13 -11.41
CA PHE A 54 20.26 -9.57 -11.35
C PHE A 54 20.17 -10.08 -9.90
N ASP A 55 19.97 -9.16 -8.95
CA ASP A 55 19.70 -9.52 -7.56
C ASP A 55 18.33 -10.19 -7.51
N GLY A 56 18.29 -11.47 -7.14
CA GLY A 56 17.05 -12.24 -7.05
C GLY A 56 15.98 -11.64 -6.15
N VAL A 57 16.41 -11.05 -5.04
CA VAL A 57 15.49 -10.36 -4.11
C VAL A 57 14.77 -9.23 -4.82
N LEU A 58 15.51 -8.40 -5.55
CA LEU A 58 14.95 -7.24 -6.22
C LEU A 58 14.13 -7.61 -7.46
N LEU A 59 14.57 -8.62 -8.21
CA LEU A 59 13.76 -9.14 -9.33
C LEU A 59 12.40 -9.67 -8.85
N GLU A 60 12.39 -10.39 -7.72
CA GLU A 60 11.11 -10.86 -7.15
C GLU A 60 10.24 -9.69 -6.67
N LEU A 61 10.86 -8.68 -6.07
CA LEU A 61 10.12 -7.51 -5.58
C LEU A 61 9.33 -6.83 -6.69
N ARG A 62 9.87 -6.80 -7.91
CA ARG A 62 9.20 -6.17 -9.06
C ARG A 62 7.76 -6.65 -9.25
N LYS A 63 7.49 -7.91 -8.94
CA LYS A 63 6.17 -8.52 -9.12
C LYS A 63 5.10 -7.77 -8.30
N TYR A 64 5.50 -7.21 -7.17
CA TYR A 64 4.59 -6.63 -6.17
C TYR A 64 4.45 -5.13 -6.24
N LEU A 65 5.25 -4.48 -7.09
CA LEU A 65 5.20 -3.04 -7.28
C LEU A 65 4.43 -2.72 -8.56
N PRO A 66 3.97 -1.46 -8.73
CA PRO A 66 3.56 -1.03 -10.07
C PRO A 66 4.76 -1.17 -11.00
N LYS A 67 4.52 -1.56 -12.25
CA LYS A 67 5.59 -1.51 -13.26
C LYS A 67 6.06 -0.05 -13.35
N TYR A 68 7.37 0.11 -13.43
CA TYR A 68 8.01 1.43 -13.43
C TYR A 68 8.56 1.72 -14.83
N TYR A 69 8.23 2.90 -15.35
CA TYR A 69 8.59 3.32 -16.71
C TYR A 69 9.64 4.43 -16.73
N GLY A 70 10.20 4.73 -15.57
CA GLY A 70 11.21 5.75 -15.47
C GLY A 70 10.65 7.09 -15.03
N ILE A 71 11.58 8.01 -14.79
CA ILE A 71 11.26 9.39 -14.51
C ILE A 71 10.58 10.03 -15.71
N TRP A 72 9.62 10.91 -15.45
CA TRP A 72 8.93 11.65 -16.50
C TRP A 72 8.79 13.11 -16.09
N SER A 73 8.93 14.01 -17.05
CA SER A 73 8.59 15.43 -16.83
C SER A 73 7.91 15.97 -18.08
N PRO A 74 7.09 17.02 -17.94
CA PRO A 74 6.48 17.60 -19.15
C PRO A 74 7.53 18.11 -20.12
N PRO A 75 7.30 17.98 -21.45
CA PRO A 75 8.20 18.44 -22.52
C PRO A 75 8.79 19.84 -22.30
N THR A 76 7.95 20.76 -21.83
CA THR A 76 8.32 22.16 -21.61
C THR A 76 8.71 22.48 -20.16
N ALA A 77 8.83 21.47 -19.30
CA ALA A 77 9.07 21.71 -17.87
C ALA A 77 9.93 20.61 -17.20
N PRO A 78 11.25 20.58 -17.51
CA PRO A 78 12.17 19.58 -16.93
C PRO A 78 12.32 19.67 -15.40
N ASN A 79 11.97 20.83 -14.85
CA ASN A 79 11.82 21.06 -13.40
C ASN A 79 10.77 20.20 -12.69
N ASP A 80 9.72 19.81 -13.41
CA ASP A 80 8.53 19.18 -12.80
C ASP A 80 8.62 17.65 -12.88
N LEU A 81 9.08 17.02 -11.79
CA LEU A 81 9.45 15.60 -11.78
C LEU A 81 8.33 14.64 -11.34
N TYR A 82 8.11 13.60 -12.14
CA TYR A 82 7.13 12.53 -11.86
C TYR A 82 7.72 11.16 -12.03
N LEU A 83 7.08 10.18 -11.43
CA LEU A 83 7.35 8.80 -11.70
C LEU A 83 6.23 8.34 -12.61
N LYS A 84 6.59 7.70 -13.72
CA LYS A 84 5.61 7.09 -14.62
C LYS A 84 5.45 5.66 -14.17
N LEU A 85 4.24 5.34 -13.73
CA LEU A 85 3.93 4.05 -13.11
C LEU A 85 2.69 3.41 -13.73
N GLU A 86 2.69 2.08 -13.77
CA GLU A 86 1.50 1.29 -14.08
C GLU A 86 0.28 1.73 -13.29
N ASP A 87 -0.86 1.90 -13.96
CA ASP A 87 -2.11 2.12 -13.27
C ASP A 87 -2.65 0.78 -12.83
N VAL A 88 -2.51 0.49 -11.54
CA VAL A 88 -2.92 -0.81 -10.99
C VAL A 88 -4.44 -1.07 -11.04
N THR A 89 -5.24 -0.03 -11.26
CA THR A 89 -6.70 -0.17 -11.44
C THR A 89 -7.15 -0.36 -12.89
N HIS A 90 -6.22 -0.36 -13.84
CA HIS A 90 -6.53 -0.29 -15.28
C HIS A 90 -7.46 -1.40 -15.77
N LYS A 91 -7.24 -2.63 -15.31
CA LYS A 91 -8.01 -3.79 -15.79
C LYS A 91 -9.38 -3.96 -15.12
N PHE A 92 -9.75 -3.02 -14.23
CA PHE A 92 -11.04 -3.09 -13.55
C PHE A 92 -12.06 -2.13 -14.16
N ASN A 93 -13.33 -2.53 -14.08
CA ASN A 93 -14.46 -1.74 -14.57
C ASN A 93 -14.92 -0.73 -13.53
N LYS A 94 -15.26 -1.22 -12.33
CA LYS A 94 -15.62 -0.39 -11.20
C LYS A 94 -14.68 -0.73 -10.06
N PRO A 95 -13.43 -0.24 -10.14
CA PRO A 95 -12.46 -0.64 -9.11
C PRO A 95 -12.84 -0.14 -7.71
N CYS A 96 -12.74 -1.03 -6.73
CA CYS A 96 -12.83 -0.69 -5.32
C CYS A 96 -11.41 -0.71 -4.82
N ILE A 97 -10.99 0.40 -4.23
CA ILE A 97 -9.58 0.65 -3.89
C ILE A 97 -9.43 0.98 -2.41
N MET A 98 -8.49 0.30 -1.76
CA MET A 98 -8.11 0.65 -0.41
C MET A 98 -6.58 0.77 -0.30
N ASP A 99 -6.14 1.85 0.35
CA ASP A 99 -4.73 2.10 0.62
C ASP A 99 -4.48 1.86 2.11
N VAL A 100 -3.56 0.96 2.44
CA VAL A 100 -3.22 0.66 3.83
C VAL A 100 -1.73 0.84 4.07
N LYS A 101 -1.39 1.78 4.96
CA LYS A 101 -0.01 1.97 5.40
C LYS A 101 0.38 0.82 6.30
N ILE A 102 1.59 0.27 6.10
CA ILE A 102 2.06 -0.93 6.80
C ILE A 102 3.27 -0.63 7.69
N GLY A 103 3.28 -1.21 8.90
CA GLY A 103 4.44 -1.15 9.79
C GLY A 103 4.09 -0.64 11.18
N GLN A 104 5.04 -0.77 12.11
CA GLN A 104 4.86 -0.26 13.47
C GLN A 104 5.28 1.18 13.64
N LYS A 105 6.19 1.60 12.77
CA LYS A 105 6.76 2.92 12.80
C LYS A 105 6.58 3.56 11.43
N SER A 106 6.00 4.76 11.43
CA SER A 106 5.81 5.55 10.21
C SER A 106 6.95 6.55 10.01
N TYR A 107 7.86 6.61 10.97
CA TYR A 107 9.04 7.46 10.90
C TYR A 107 10.22 6.56 10.58
N ASP A 108 11.28 7.14 10.01
CA ASP A 108 12.42 6.36 9.54
C ASP A 108 13.59 6.38 10.53
N PRO A 109 14.66 5.60 10.28
CA PRO A 109 15.74 5.49 11.28
C PRO A 109 16.55 6.75 11.56
N PHE A 110 16.37 7.81 10.77
CA PHE A 110 17.10 9.06 10.95
C PHE A 110 16.20 10.26 11.24
N ALA A 111 14.99 9.98 11.69
CA ALA A 111 14.03 11.02 12.03
C ALA A 111 14.47 11.67 13.34
N SER A 112 14.30 13.00 13.40
CA SER A 112 14.54 13.77 14.63
C SER A 112 13.46 13.47 15.68
N SER A 113 13.70 13.90 16.92
CA SER A 113 12.73 13.75 18.00
C SER A 113 11.36 14.35 17.66
N GLU A 114 11.39 15.54 17.05
CA GLU A 114 10.17 16.22 16.60
C GLU A 114 9.45 15.45 15.50
N LYS A 115 10.22 14.93 14.54
CA LYS A 115 9.66 14.15 13.43
C LYS A 115 9.02 12.85 13.92
N ILE A 116 9.66 12.17 14.87
CA ILE A 116 9.09 10.96 15.47
C ILE A 116 7.75 11.30 16.12
N GLN A 117 7.74 12.37 16.92
CA GLN A 117 6.53 12.81 17.58
C GLN A 117 5.44 13.21 16.57
N GLN A 118 5.84 13.92 15.52
CA GLN A 118 4.93 14.28 14.43
C GLN A 118 4.26 13.02 13.85
N GLN A 119 5.08 12.01 13.55
CA GLN A 119 4.59 10.78 12.92
C GLN A 119 3.75 9.94 13.86
N VAL A 120 4.22 9.77 15.10
CA VAL A 120 3.48 8.95 16.05
C VAL A 120 2.14 9.61 16.40
N SER A 121 2.13 10.93 16.54
CA SER A 121 0.88 11.68 16.81
C SER A 121 -0.17 11.57 15.69
N LYS A 122 0.25 11.40 14.44
CA LYS A 122 -0.70 11.20 13.33
C LYS A 122 -1.58 9.97 13.58
N TYR A 123 -0.99 8.92 14.16
CA TYR A 123 -1.71 7.71 14.52
C TYR A 123 -0.97 6.94 15.62
N PRO A 124 -1.29 7.23 16.89
CA PRO A 124 -0.51 6.64 17.99
C PRO A 124 -0.67 5.14 18.21
N LEU A 125 -1.64 4.54 17.54
CA LEU A 125 -1.86 3.08 17.57
C LEU A 125 -1.04 2.30 16.52
N MET A 126 -0.17 2.97 15.78
CA MET A 126 0.60 2.30 14.74
C MET A 126 1.44 1.14 15.29
N GLU A 127 2.06 1.35 16.45
CA GLU A 127 2.90 0.32 17.06
C GLU A 127 2.05 -0.90 17.44
N GLU A 128 0.86 -0.63 17.98
CA GLU A 128 -0.05 -1.67 18.44
C GLU A 128 -0.73 -2.44 17.31
N ILE A 129 -1.22 -1.73 16.30
CA ILE A 129 -1.98 -2.39 15.20
C ILE A 129 -1.06 -2.84 14.05
N GLY A 130 -0.03 -2.05 13.73
CA GLY A 130 0.91 -2.38 12.66
C GLY A 130 0.42 -2.00 11.26
N PHE A 131 -0.72 -1.34 11.17
CA PHE A 131 -1.21 -0.83 9.89
C PHE A 131 -2.24 0.27 10.12
N LEU A 132 -2.45 1.06 9.08
CA LEU A 132 -3.35 2.20 9.10
C LEU A 132 -4.02 2.35 7.75
N VAL A 133 -5.35 2.33 7.73
CA VAL A 133 -6.10 2.58 6.51
C VAL A 133 -5.97 4.07 6.13
N LEU A 134 -5.38 4.35 4.99
CA LEU A 134 -5.23 5.73 4.51
C LEU A 134 -6.48 6.23 3.79
N GLY A 135 -7.20 5.32 3.15
CA GLY A 135 -8.47 5.66 2.52
C GLY A 135 -9.06 4.46 1.82
N MET A 136 -10.33 4.60 1.43
CA MET A 136 -10.94 3.64 0.54
C MET A 136 -11.98 4.32 -0.34
N ARG A 137 -12.20 3.67 -1.48
CA ARG A 137 -13.22 4.07 -2.42
C ARG A 137 -13.95 2.77 -2.76
N VAL A 138 -15.24 2.69 -2.42
CA VAL A 138 -16.02 1.47 -2.55
C VAL A 138 -17.20 1.74 -3.47
N TYR A 139 -17.33 0.93 -4.52
CA TYR A 139 -18.48 1.01 -5.43
C TYR A 139 -19.66 0.30 -4.79
N HIS A 140 -20.82 0.96 -4.81
CA HIS A 140 -22.05 0.35 -4.33
C HIS A 140 -22.94 0.06 -5.51
N VAL A 141 -23.35 -1.20 -5.64
CA VAL A 141 -24.10 -1.69 -6.80
C VAL A 141 -25.48 -1.05 -6.88
N HIS A 142 -26.23 -1.13 -5.78
CA HIS A 142 -27.64 -0.72 -5.78
C HIS A 142 -27.90 0.79 -5.80
N SER A 143 -26.85 1.61 -5.65
CA SER A 143 -26.93 3.06 -5.87
C SER A 143 -26.10 3.56 -7.07
N ASP A 144 -25.33 2.68 -7.72
CA ASP A 144 -24.45 3.02 -8.85
C ASP A 144 -23.53 4.20 -8.51
N SER A 145 -22.86 4.10 -7.37
CA SER A 145 -22.06 5.21 -6.86
C SER A 145 -20.94 4.71 -5.96
N TYR A 146 -20.01 5.62 -5.69
CA TYR A 146 -18.87 5.35 -4.84
C TYR A 146 -19.05 6.02 -3.47
N GLU A 147 -18.74 5.28 -2.41
CA GLU A 147 -18.54 5.87 -1.07
C GLU A 147 -17.03 5.96 -0.82
N THR A 148 -16.56 7.13 -0.41
CA THR A 148 -15.13 7.36 -0.16
C THR A 148 -14.88 7.64 1.31
N GLU A 149 -13.77 7.10 1.83
CA GLU A 149 -13.30 7.43 3.19
C GLU A 149 -11.92 8.04 3.10
N ASN A 150 -11.72 9.13 3.85
CA ASN A 150 -10.46 9.90 3.84
C ASN A 150 -9.51 9.42 4.96
N GLN A 151 -8.39 10.10 5.17
CA GLN A 151 -7.39 9.67 6.16
C GLN A 151 -7.92 9.62 7.60
N HIS A 152 -8.93 10.45 7.91
CA HIS A 152 -9.48 10.50 9.28
C HIS A 152 -10.30 9.26 9.63
N TYR A 153 -10.82 8.57 8.62
CA TYR A 153 -11.49 7.29 8.84
C TYR A 153 -10.54 6.29 9.50
N GLY A 154 -9.44 5.98 8.83
CA GLY A 154 -8.46 5.01 9.36
C GLY A 154 -7.84 5.44 10.67
N ARG A 155 -7.54 6.74 10.80
CA ARG A 155 -6.95 7.29 12.04
C ARG A 155 -7.91 7.23 13.25
N SER A 156 -9.21 7.06 12.99
N SER A 156 -9.20 7.04 13.00
CA SER A 156 -10.19 6.86 14.06
CA SER A 156 -10.18 6.85 14.07
C SER A 156 -10.34 5.43 14.55
C SER A 156 -10.35 5.42 14.54
N LEU A 157 -9.76 4.46 13.83
CA LEU A 157 -9.96 3.05 14.15
C LEU A 157 -9.07 2.63 15.30
N THR A 158 -9.65 1.83 16.20
CA THR A 158 -8.96 1.28 17.36
C THR A 158 -8.90 -0.24 17.26
N LYS A 159 -8.27 -0.89 18.24
CA LYS A 159 -8.24 -2.36 18.29
C LYS A 159 -9.65 -2.96 18.35
N GLU A 160 -10.56 -2.24 19.01
CA GLU A 160 -11.97 -2.63 19.08
C GLU A 160 -12.72 -2.50 17.74
N THR A 161 -12.36 -1.51 16.91
CA THR A 161 -13.09 -1.23 15.66
C THR A 161 -12.33 -1.53 14.36
N ILE A 162 -11.10 -2.06 14.43
CA ILE A 162 -10.32 -2.25 13.19
C ILE A 162 -10.92 -3.31 12.25
N LYS A 163 -11.44 -4.40 12.80
CA LYS A 163 -12.03 -5.46 11.98
C LYS A 163 -13.22 -4.92 11.17
N ASP A 164 -14.18 -4.29 11.86
CA ASP A 164 -15.32 -3.66 11.16
C ASP A 164 -14.89 -2.52 10.23
N GLY A 165 -13.82 -1.80 10.60
CA GLY A 165 -13.30 -0.72 9.79
C GLY A 165 -12.74 -1.20 8.46
N VAL A 166 -12.01 -2.31 8.50
CA VAL A 166 -11.49 -2.95 7.30
C VAL A 166 -12.61 -3.63 6.50
N SER A 167 -13.57 -4.27 7.17
N SER A 167 -13.54 -4.28 7.19
CA SER A 167 -14.65 -4.98 6.48
CA SER A 167 -14.71 -4.94 6.58
C SER A 167 -15.58 -4.08 5.66
C SER A 167 -15.47 -4.05 5.62
N ARG A 168 -15.65 -2.78 5.99
CA ARG A 168 -16.39 -1.80 5.15
C ARG A 168 -15.93 -1.79 3.69
N PHE A 169 -14.63 -1.97 3.47
CA PHE A 169 -14.05 -1.98 2.13
C PHE A 169 -14.67 -3.05 1.23
N PHE A 170 -15.00 -4.18 1.84
CA PHE A 170 -15.55 -5.34 1.13
C PHE A 170 -17.10 -5.42 1.15
N HIS A 171 -17.79 -4.34 1.54
CA HIS A 171 -19.26 -4.28 1.52
C HIS A 171 -19.70 -3.55 0.26
N ASN A 172 -20.32 -4.26 -0.66
CA ASN A 172 -20.97 -3.60 -1.81
C ASN A 172 -22.40 -3.09 -1.56
N GLY A 173 -22.82 -3.09 -0.29
CA GLY A 173 -24.22 -2.83 0.09
C GLY A 173 -24.98 -4.11 0.38
N TYR A 174 -25.01 -5.03 -0.60
CA TYR A 174 -25.82 -6.26 -0.51
C TYR A 174 -25.10 -7.49 0.07
N CYS A 175 -23.82 -7.66 -0.21
CA CYS A 175 -23.05 -8.77 0.38
C CYS A 175 -21.66 -8.33 0.83
N LEU A 176 -21.12 -9.06 1.80
CA LEU A 176 -19.70 -9.00 2.14
C LEU A 176 -18.91 -9.83 1.12
N ARG A 177 -17.99 -9.20 0.42
CA ARG A 177 -17.22 -9.86 -0.64
C ARG A 177 -16.10 -10.72 -0.04
N LYS A 178 -16.47 -11.86 0.54
CA LYS A 178 -15.49 -12.79 1.12
C LYS A 178 -14.53 -13.35 0.07
N ASP A 179 -14.95 -13.43 -1.18
CA ASP A 179 -14.02 -13.78 -2.28
C ASP A 179 -12.85 -12.80 -2.39
N ALA A 180 -13.13 -11.50 -2.30
CA ALA A 180 -12.08 -10.48 -2.37
C ALA A 180 -11.22 -10.52 -1.11
N VAL A 181 -11.85 -10.78 0.04
CA VAL A 181 -11.12 -10.94 1.30
C VAL A 181 -10.12 -12.10 1.23
N ALA A 182 -10.60 -13.27 0.80
CA ALA A 182 -9.72 -14.45 0.70
C ALA A 182 -8.58 -14.25 -0.32
N ALA A 183 -8.91 -13.67 -1.47
CA ALA A 183 -7.89 -13.41 -2.48
C ALA A 183 -6.85 -12.39 -1.97
N SER A 184 -7.29 -11.40 -1.20
CA SER A 184 -6.37 -10.42 -0.59
C SER A 184 -5.39 -11.10 0.38
N ILE A 185 -5.90 -11.97 1.22
CA ILE A 185 -5.04 -12.77 2.11
C ILE A 185 -3.99 -13.52 1.29
N GLN A 186 -4.44 -14.20 0.23
CA GLN A 186 -3.54 -15.01 -0.61
C GLN A 186 -2.46 -14.18 -1.31
N LYS A 187 -2.83 -12.97 -1.76
CA LYS A 187 -1.85 -12.05 -2.36
C LYS A 187 -0.90 -11.44 -1.33
N ILE A 188 -1.41 -11.07 -0.16
CA ILE A 188 -0.57 -10.53 0.93
C ILE A 188 0.43 -11.59 1.39
N GLU A 189 -0.01 -12.83 1.48
CA GLU A 189 0.89 -13.92 1.90
C GLU A 189 2.14 -14.05 1.02
N LYS A 190 2.01 -13.80 -0.28
CA LYS A 190 3.18 -13.80 -1.17
C LYS A 190 4.14 -12.64 -0.87
N ILE A 191 3.57 -11.47 -0.60
CA ILE A 191 4.37 -10.31 -0.18
C ILE A 191 5.07 -10.60 1.14
N LEU A 192 4.33 -11.19 2.09
N LEU A 192 4.33 -11.19 2.08
CA LEU A 192 4.90 -11.61 3.38
CA LEU A 192 4.88 -11.60 3.38
C LEU A 192 6.04 -12.57 3.19
C LEU A 192 6.03 -12.58 3.20
N GLN A 193 5.87 -13.55 2.30
CA GLN A 193 6.95 -14.49 1.97
C GLN A 193 8.20 -13.78 1.40
N TRP A 194 8.00 -12.75 0.57
CA TRP A 194 9.12 -11.96 0.07
C TRP A 194 9.88 -11.30 1.24
N PHE A 195 9.15 -10.68 2.16
CA PHE A 195 9.74 -10.04 3.34
C PHE A 195 10.48 -11.03 4.26
N GLU A 196 9.98 -12.25 4.35
CA GLU A 196 10.67 -13.25 5.20
C GLU A 196 11.92 -13.86 4.56
N ASN A 197 12.17 -13.52 3.30
CA ASN A 197 13.31 -13.99 2.55
C ASN A 197 14.21 -12.86 2.05
N GLN A 198 14.16 -11.70 2.74
CA GLN A 198 15.10 -10.62 2.48
C GLN A 198 15.49 -9.88 3.77
N LYS A 199 16.76 -9.48 3.84
CA LYS A 199 17.32 -8.74 4.97
C LYS A 199 18.14 -7.54 4.48
N GLN A 200 17.71 -6.92 3.39
CA GLN A 200 18.46 -5.84 2.75
C GLN A 200 17.69 -4.52 2.62
N LEU A 201 16.37 -4.54 2.80
CA LEU A 201 15.55 -3.33 2.75
C LEU A 201 14.57 -3.27 3.92
N ASN A 202 14.46 -2.09 4.54
CA ASN A 202 13.42 -1.83 5.54
C ASN A 202 12.55 -0.67 5.04
N PHE A 203 11.25 -0.81 5.19
CA PHE A 203 10.25 0.06 4.57
C PHE A 203 9.45 0.75 5.65
N TYR A 204 9.48 2.08 5.67
CA TYR A 204 8.71 2.87 6.65
C TYR A 204 7.75 3.75 5.90
N ALA A 205 6.54 3.88 6.44
CA ALA A 205 5.47 4.68 5.80
C ALA A 205 5.11 4.27 4.36
N SER A 206 5.36 3.00 4.00
N SER A 206 5.34 3.00 4.04
CA SER A 206 4.95 2.50 2.70
CA SER A 206 4.98 2.42 2.74
C SER A 206 3.59 1.81 2.87
C SER A 206 3.58 1.82 2.88
N SER A 207 2.92 1.58 1.74
CA SER A 207 1.53 1.15 1.72
C SER A 207 1.30 -0.06 0.82
N LEU A 208 0.14 -0.70 1.05
CA LEU A 208 -0.43 -1.64 0.14
C LEU A 208 -1.70 -1.05 -0.46
N LEU A 209 -1.80 -1.17 -1.77
CA LEU A 209 -2.96 -0.75 -2.52
C LEU A 209 -3.73 -2.02 -2.88
N PHE A 210 -4.95 -2.11 -2.39
CA PHE A 210 -5.87 -3.22 -2.68
C PHE A 210 -6.87 -2.76 -3.69
N VAL A 211 -7.11 -3.58 -4.73
CA VAL A 211 -8.13 -3.30 -5.72
C VAL A 211 -8.91 -4.58 -5.96
N TYR A 212 -10.24 -4.47 -5.96
CA TYR A 212 -11.09 -5.55 -6.46
C TYR A 212 -12.17 -4.97 -7.36
N GLU A 213 -12.85 -5.85 -8.09
CA GLU A 213 -13.87 -5.48 -9.04
C GLU A 213 -15.22 -5.31 -8.35
N GLY A 214 -15.76 -4.10 -8.40
CA GLY A 214 -17.04 -3.77 -7.77
C GLY A 214 -18.28 -4.00 -8.62
N SER A 215 -18.14 -4.07 -9.96
CA SER A 215 -19.32 -4.14 -10.84
C SER A 215 -20.02 -5.48 -10.70
N SER A 220 -15.85 -12.64 -7.57
CA SER A 220 -15.08 -13.21 -8.65
C SER A 220 -13.68 -13.72 -8.27
N GLY A 221 -13.14 -13.31 -7.12
CA GLY A 221 -11.82 -13.81 -6.69
C GLY A 221 -10.57 -13.04 -7.09
N GLY A 222 -10.59 -12.21 -8.12
CA GLY A 222 -11.25 -12.47 -9.40
C GLY A 222 -10.46 -11.70 -10.40
N GLU A 223 -10.61 -10.41 -10.22
CA GLU A 223 -9.52 -9.52 -10.27
C GLU A 223 -9.44 -9.07 -8.78
N VAL A 224 -8.36 -9.42 -8.09
CA VAL A 224 -7.92 -8.67 -6.91
C VAL A 224 -6.48 -8.32 -7.21
N GLU A 225 -6.12 -7.07 -6.96
CA GLU A 225 -4.73 -6.63 -7.07
C GLU A 225 -4.30 -6.14 -5.70
N VAL A 226 -3.09 -6.55 -5.27
CA VAL A 226 -2.43 -6.00 -4.08
C VAL A 226 -1.01 -5.62 -4.49
N ARG A 227 -0.71 -4.32 -4.43
CA ARG A 227 0.62 -3.84 -4.79
C ARG A 227 1.19 -2.93 -3.72
N MET A 228 2.50 -3.02 -3.55
CA MET A 228 3.23 -2.13 -2.66
C MET A 228 3.49 -0.81 -3.36
N ILE A 229 3.28 0.29 -2.64
CA ILE A 229 3.53 1.65 -3.10
C ILE A 229 4.16 2.48 -1.98
N ASP A 230 4.60 3.70 -2.34
CA ASP A 230 5.04 4.76 -1.40
C ASP A 230 6.39 4.45 -0.78
N PHE A 231 7.45 4.81 -1.51
CA PHE A 231 8.80 4.39 -1.19
C PHE A 231 9.78 5.54 -0.86
N ALA A 232 9.27 6.62 -0.27
CA ALA A 232 10.11 7.74 0.17
C ALA A 232 10.92 7.47 1.44
N HIS A 233 10.62 6.39 2.16
CA HIS A 233 11.36 6.01 3.37
C HIS A 233 11.73 4.51 3.39
N VAL A 234 12.41 4.07 2.35
CA VAL A 234 12.98 2.73 2.27
C VAL A 234 14.48 2.85 2.42
N PHE A 235 15.02 2.09 3.36
CA PHE A 235 16.44 2.23 3.72
C PHE A 235 17.15 0.89 3.65
N PRO A 236 18.47 0.90 3.36
CA PRO A 236 19.25 -0.33 3.44
C PRO A 236 19.25 -0.85 4.86
N SER A 237 19.30 -2.16 5.02
N SER A 237 19.30 -2.17 5.02
CA SER A 237 19.22 -2.80 6.32
CA SER A 237 19.24 -2.78 6.34
C SER A 237 20.06 -4.06 6.36
C SER A 237 20.06 -4.05 6.36
N ASN A 238 20.27 -4.58 7.56
CA ASN A 238 20.98 -5.84 7.78
C ASN A 238 20.05 -6.88 8.42
N THR A 239 18.77 -6.54 8.58
CA THR A 239 17.82 -7.35 9.36
C THR A 239 16.50 -7.48 8.63
N ILE A 240 15.68 -8.40 9.13
CA ILE A 240 14.29 -8.55 8.71
C ILE A 240 13.56 -7.26 9.05
N ASP A 241 12.67 -6.83 8.16
CA ASP A 241 11.82 -5.70 8.46
C ASP A 241 10.72 -6.18 9.42
N GLU A 242 11.02 -6.14 10.73
CA GLU A 242 10.13 -6.75 11.72
C GLU A 242 8.78 -6.04 11.84
N GLY A 243 8.80 -4.72 11.73
CA GLY A 243 7.59 -3.92 11.82
C GLY A 243 6.66 -4.18 10.66
N TYR A 244 7.23 -4.32 9.47
CA TYR A 244 6.44 -4.58 8.26
C TYR A 244 5.79 -5.96 8.36
N VAL A 245 6.60 -6.94 8.76
CA VAL A 245 6.12 -8.31 8.93
C VAL A 245 4.99 -8.36 9.96
N TYR A 246 5.17 -7.72 11.12
CA TYR A 246 4.11 -7.62 12.14
C TYR A 246 2.81 -7.06 11.56
N GLY A 247 2.91 -5.96 10.81
CA GLY A 247 1.74 -5.35 10.18
C GLY A 247 1.02 -6.26 9.20
N LEU A 248 1.79 -6.92 8.34
CA LEU A 248 1.21 -7.83 7.35
C LEU A 248 0.51 -8.98 8.04
N LYS A 249 1.17 -9.56 9.04
CA LYS A 249 0.60 -10.66 9.82
C LYS A 249 -0.69 -10.24 10.49
N HIS A 250 -0.69 -9.07 11.12
CA HIS A 250 -1.90 -8.59 11.79
C HIS A 250 -2.98 -8.30 10.76
N LEU A 251 -2.61 -7.72 9.62
CA LEU A 251 -3.61 -7.49 8.57
C LEU A 251 -4.23 -8.81 8.05
N ILE A 252 -3.39 -9.81 7.82
CA ILE A 252 -3.84 -11.16 7.44
C ILE A 252 -4.82 -11.75 8.48
N SER A 253 -4.50 -11.61 9.76
N SER A 253 -4.48 -11.60 9.75
CA SER A 253 -5.35 -12.11 10.84
CA SER A 253 -5.33 -12.09 10.85
C SER A 253 -6.71 -11.41 10.91
C SER A 253 -6.70 -11.41 10.90
N VAL A 254 -6.72 -10.09 10.69
CA VAL A 254 -7.96 -9.31 10.62
C VAL A 254 -8.80 -9.78 9.42
N LEU A 255 -8.20 -9.82 8.23
CA LEU A 255 -8.90 -10.32 7.06
C LEU A 255 -9.43 -11.74 7.28
N ARG A 256 -8.62 -12.60 7.89
CA ARG A 256 -9.03 -13.97 8.17
C ARG A 256 -10.27 -14.03 9.08
N SER A 257 -10.31 -13.18 10.09
N SER A 257 -10.31 -13.18 10.09
CA SER A 257 -11.47 -13.10 10.99
CA SER A 257 -11.47 -13.10 10.99
C SER A 257 -12.73 -12.64 10.24
C SER A 257 -12.73 -12.61 10.27
N ILE A 258 -12.56 -11.78 9.25
CA ILE A 258 -13.70 -11.30 8.42
C ILE A 258 -14.35 -12.46 7.62
N LEU A 259 -13.55 -13.47 7.27
CA LEU A 259 -14.06 -14.66 6.59
C LEU A 259 -15.03 -15.47 7.46
N ASP A 260 -15.01 -15.26 8.79
CA ASP A 260 -15.98 -15.90 9.71
C ASP A 260 -17.28 -15.12 9.93
N ASN A 261 -17.44 -13.95 9.32
CA ASN A 261 -18.61 -13.11 9.54
C ASN A 261 -19.94 -13.76 9.18
C1 KMP B . 1.45 4.19 -7.41
C2 KMP B . 0.53 3.69 -8.32
C3 KMP B . -0.89 4.01 -8.15
C4 KMP B . -1.27 4.86 -7.00
C5 KMP B . -0.29 5.32 -6.14
C6 KMP B . 1.04 4.99 -6.35
C9 KMP B . -1.94 3.53 -9.07
C10 KMP B . -3.33 3.92 -8.79
C11 KMP B . -3.63 4.78 -7.62
C14 KMP B . -4.99 5.24 -7.21
C15 KMP B . -6.09 5.28 -8.07
C16 KMP B . -7.33 5.71 -7.60
C17 KMP B . -7.48 6.11 -6.29
C18 KMP B . -6.39 6.09 -5.42
C19 KMP B . -5.16 5.66 -5.87
O12 KMP B . -2.58 5.18 -6.80
O13 KMP B . -1.67 2.79 -10.04
O24 KMP B . -8.70 6.54 -5.84
O27 KMP B . -4.28 3.47 -9.65
O29 KMP B . 1.99 5.46 -5.49
O30 KMP B . 0.91 2.90 -9.35
#